data_3F7M
#
_entry.id   3F7M
#
_cell.length_a   43.680
_cell.length_b   67.831
_cell.length_c   76.347
_cell.angle_alpha   90.00
_cell.angle_beta   90.00
_cell.angle_gamma   90.00
#
_symmetry.space_group_name_H-M   'P 21 21 21'
#
loop_
_entity.id
_entity.type
_entity.pdbx_description
1 polymer 'Alkaline serine protease ver112'
2 water water
#
_entity_poly.entity_id   1
_entity_poly.type   'polypeptide(L)'
_entity_poly.pdbx_seq_one_letter_code
;ITQQQGATWGLTRISHRARGSTAYAYDTSAGAGACVYVIDTGVEDTHPDFEGRAKQIKSYASTARDGHGHGTHCAGTIGS
KTWGVAKKVSIFGVKVLDDSGSGSLSNIIAGMDFVASDRQSRNCPRRTVASMSLGGGYSAALNQAAARLQSSGVFVAVAA
GNDNRDAANTSPASEPTVCTVGATDSNDVRSTFSNYGRVVDIFAPGTSITSTWIGGRTNTISGTSMATPHIAGLAAYLFG
LEGGSAGAMCGRIQTLSTKNVLTSIPSGTVNYLAFNGAT
;
_entity_poly.pdbx_strand_id   A
#
# COMPACT_ATOMS: atom_id res chain seq x y z
N ILE A 1 -14.47 15.73 -8.95
CA ILE A 1 -14.81 14.58 -8.08
C ILE A 1 -15.83 13.67 -8.76
N THR A 2 -15.47 12.40 -8.94
CA THR A 2 -16.39 11.45 -9.56
C THR A 2 -16.74 10.38 -8.55
N GLN A 3 -17.76 9.58 -8.87
CA GLN A 3 -18.22 8.55 -7.95
C GLN A 3 -18.32 7.17 -8.60
N GLN A 4 -17.49 6.23 -8.15
CA GLN A 4 -17.56 4.87 -8.69
C GLN A 4 -18.66 4.16 -7.93
N GLN A 5 -19.77 3.85 -8.59
CA GLN A 5 -20.87 3.18 -7.89
C GLN A 5 -20.57 1.71 -7.62
N GLY A 6 -21.10 1.20 -6.51
CA GLY A 6 -20.91 -0.19 -6.15
C GLY A 6 -19.47 -0.63 -6.03
N ALA A 7 -18.60 0.25 -5.52
CA ALA A 7 -17.19 -0.08 -5.39
C ALA A 7 -16.93 -0.96 -4.17
N THR A 8 -15.81 -1.68 -4.20
CA THR A 8 -15.44 -2.56 -3.10
C THR A 8 -15.30 -1.74 -1.81
N TRP A 9 -15.63 -2.34 -0.66
CA TRP A 9 -15.64 -1.61 0.62
C TRP A 9 -14.41 -0.77 1.00
N GLY A 10 -13.21 -1.29 0.78
CA GLY A 10 -12.02 -0.52 1.14
C GLY A 10 -12.00 0.86 0.51
N LEU A 11 -12.39 0.93 -0.76
CA LEU A 11 -12.40 2.21 -1.47
C LEU A 11 -13.50 3.11 -0.93
N THR A 12 -14.66 2.53 -0.62
CA THR A 12 -15.75 3.33 -0.08
C THR A 12 -15.33 3.92 1.25
N ARG A 13 -14.67 3.11 2.08
CA ARG A 13 -14.28 3.57 3.41
C ARG A 13 -13.28 4.73 3.43
N ILE A 14 -12.27 4.70 2.55
CA ILE A 14 -11.28 5.77 2.57
C ILE A 14 -11.75 7.07 1.94
N SER A 15 -12.95 7.06 1.35
CA SER A 15 -13.48 8.27 0.72
C SER A 15 -14.67 8.87 1.46
N HIS A 16 -14.91 8.39 2.68
CA HIS A 16 -16.01 8.89 3.51
C HIS A 16 -15.62 8.87 4.98
N ARG A 17 -16.12 9.85 5.73
CA ARG A 17 -15.84 9.93 7.15
C ARG A 17 -16.50 8.79 7.90
N ALA A 18 -17.70 8.42 7.46
CA ALA A 18 -18.45 7.35 8.12
C ALA A 18 -18.79 6.19 7.20
N ARG A 19 -18.98 5.02 7.80
CA ARG A 19 -19.36 3.82 7.05
C ARG A 19 -20.73 4.08 6.45
N GLY A 20 -21.12 3.28 5.46
CA GLY A 20 -22.43 3.44 4.86
C GLY A 20 -22.49 3.72 3.37
N SER A 21 -21.40 4.20 2.79
CA SER A 21 -21.44 4.49 1.36
C SER A 21 -21.14 3.24 0.54
N THR A 22 -21.72 3.21 -0.65
CA THR A 22 -21.56 2.10 -1.58
C THR A 22 -20.73 2.57 -2.75
N ALA A 23 -20.28 3.82 -2.70
CA ALA A 23 -19.50 4.40 -3.78
C ALA A 23 -18.11 4.88 -3.37
N TYR A 24 -17.21 4.96 -4.34
CA TYR A 24 -15.87 5.45 -4.10
C TYR A 24 -15.81 6.83 -4.72
N ALA A 25 -15.63 7.85 -3.89
CA ALA A 25 -15.56 9.23 -4.37
C ALA A 25 -14.09 9.62 -4.47
N TYR A 26 -13.70 10.15 -5.63
CA TYR A 26 -12.31 10.55 -5.82
C TYR A 26 -12.16 11.58 -6.95
N ASP A 27 -11.09 12.36 -6.89
CA ASP A 27 -10.85 13.36 -7.93
C ASP A 27 -10.37 12.66 -9.19
N THR A 28 -10.88 13.11 -10.33
CA THR A 28 -10.53 12.54 -11.63
C THR A 28 -9.03 12.49 -11.95
N SER A 29 -8.22 13.32 -11.28
CA SER A 29 -6.78 13.30 -11.52
C SER A 29 -6.26 11.88 -11.32
N ALA A 30 -6.94 11.15 -10.43
CA ALA A 30 -6.65 9.76 -10.13
C ALA A 30 -5.19 9.31 -10.04
N GLY A 31 -4.32 10.15 -9.50
CA GLY A 31 -2.92 9.76 -9.38
C GLY A 31 -2.11 9.79 -10.66
N ALA A 32 -2.66 10.36 -11.73
CA ALA A 32 -1.93 10.44 -12.99
C ALA A 32 -0.63 11.21 -12.78
N GLY A 33 0.47 10.73 -13.35
CA GLY A 33 1.74 11.42 -13.21
C GLY A 33 2.56 10.93 -12.02
N ALA A 34 1.96 10.07 -11.20
CA ALA A 34 2.66 9.51 -10.05
C ALA A 34 3.01 8.05 -10.38
N CYS A 35 3.96 7.50 -9.63
CA CYS A 35 4.38 6.12 -9.84
C CYS A 35 4.42 5.36 -8.53
N VAL A 36 3.96 4.11 -8.56
CA VAL A 36 3.97 3.27 -7.39
C VAL A 36 4.65 1.94 -7.67
N TYR A 37 5.70 1.65 -6.89
CA TYR A 37 6.44 0.40 -7.01
C TYR A 37 5.91 -0.59 -5.99
N VAL A 38 5.59 -1.80 -6.46
CA VAL A 38 5.09 -2.85 -5.58
C VAL A 38 6.20 -3.89 -5.36
N ILE A 39 6.74 -3.92 -4.14
CA ILE A 39 7.80 -4.87 -3.78
C ILE A 39 7.08 -6.04 -3.15
N ASP A 40 6.93 -7.12 -3.92
CA ASP A 40 6.17 -8.27 -3.43
C ASP A 40 6.51 -9.48 -4.29
N THR A 41 5.50 -10.31 -4.59
CA THR A 41 5.69 -11.52 -5.41
C THR A 41 5.64 -11.22 -6.90
N GLY A 42 5.61 -9.93 -7.24
CA GLY A 42 5.54 -9.54 -8.64
C GLY A 42 4.15 -9.04 -8.95
N VAL A 43 3.96 -8.55 -10.17
CA VAL A 43 2.66 -8.04 -10.59
C VAL A 43 2.36 -8.57 -11.98
N GLU A 44 1.21 -9.23 -12.13
CA GLU A 44 0.81 -9.76 -13.42
C GLU A 44 0.36 -8.55 -14.24
N ASP A 45 1.31 -7.92 -14.93
CA ASP A 45 1.00 -6.73 -15.72
C ASP A 45 0.12 -6.97 -16.93
N THR A 46 -0.28 -8.22 -17.14
CA THR A 46 -1.15 -8.53 -18.26
C THR A 46 -2.62 -8.54 -17.84
N HIS A 47 -2.88 -8.33 -16.56
CA HIS A 47 -4.27 -8.30 -16.09
C HIS A 47 -4.96 -7.14 -16.80
N PRO A 48 -6.11 -7.41 -17.43
CA PRO A 48 -6.88 -6.38 -18.16
C PRO A 48 -7.24 -5.14 -17.34
N ASP A 49 -7.48 -5.33 -16.05
CA ASP A 49 -7.90 -4.20 -15.23
C ASP A 49 -6.82 -3.15 -14.97
N PHE A 50 -5.60 -3.40 -15.42
CA PHE A 50 -4.52 -2.42 -15.24
C PHE A 50 -4.45 -1.49 -16.46
N GLU A 51 -5.14 -1.88 -17.53
CA GLU A 51 -5.16 -1.07 -18.74
C GLU A 51 -3.78 -0.76 -19.28
N GLY A 52 -2.83 -1.66 -19.01
CA GLY A 52 -1.48 -1.46 -19.49
C GLY A 52 -0.65 -0.45 -18.72
N ARG A 53 -1.18 0.02 -17.58
CA ARG A 53 -0.45 0.98 -16.75
C ARG A 53 0.49 0.30 -15.77
N ALA A 54 0.49 -1.02 -15.79
CA ALA A 54 1.36 -1.79 -14.89
C ALA A 54 2.44 -2.51 -15.69
N LYS A 55 3.63 -2.57 -15.11
CA LYS A 55 4.76 -3.24 -15.76
C LYS A 55 5.62 -3.97 -14.73
N GLN A 56 5.81 -5.26 -14.95
CA GLN A 56 6.65 -6.09 -14.09
C GLN A 56 8.04 -5.89 -14.69
N ILE A 57 8.90 -5.17 -13.97
CA ILE A 57 10.22 -4.84 -14.49
C ILE A 57 11.47 -5.47 -13.86
N LYS A 58 11.34 -6.10 -12.70
CA LYS A 58 12.52 -6.68 -12.06
C LYS A 58 12.19 -7.81 -11.12
N SER A 59 13.05 -8.83 -11.10
CA SER A 59 12.86 -9.98 -10.23
C SER A 59 14.20 -10.43 -9.62
N TYR A 60 14.14 -10.85 -8.36
CA TYR A 60 15.31 -11.31 -7.65
C TYR A 60 15.07 -12.72 -7.12
N ALA A 61 13.92 -13.29 -7.46
CA ALA A 61 13.57 -14.64 -7.02
C ALA A 61 13.78 -15.64 -8.15
N SER A 62 13.37 -16.87 -7.93
CA SER A 62 13.52 -17.95 -8.91
C SER A 62 12.83 -17.67 -10.25
N THR A 63 11.63 -17.10 -10.21
CA THR A 63 10.90 -16.79 -11.44
C THR A 63 10.82 -15.28 -11.65
N ALA A 64 10.39 -14.87 -12.83
CA ALA A 64 10.30 -13.45 -13.16
C ALA A 64 8.89 -12.86 -13.12
N ARG A 65 7.88 -13.71 -12.96
CA ARG A 65 6.50 -13.23 -12.93
C ARG A 65 5.77 -13.62 -11.64
N ASP A 66 4.65 -12.96 -11.38
CA ASP A 66 3.87 -13.26 -10.19
C ASP A 66 3.10 -14.56 -10.41
N GLY A 67 3.56 -15.63 -9.77
CA GLY A 67 2.90 -16.91 -9.91
C GLY A 67 2.09 -17.24 -8.67
N HIS A 68 1.91 -16.23 -7.81
CA HIS A 68 1.17 -16.41 -6.57
C HIS A 68 -0.11 -15.59 -6.57
N GLY A 69 0.01 -14.29 -6.80
CA GLY A 69 -1.15 -13.43 -6.83
C GLY A 69 -1.12 -12.33 -5.78
N HIS A 70 -0.38 -12.55 -4.70
CA HIS A 70 -0.29 -11.58 -3.62
C HIS A 70 0.11 -10.20 -4.14
N GLY A 71 1.23 -10.14 -4.87
CA GLY A 71 1.69 -8.88 -5.41
C GLY A 71 0.71 -8.23 -6.37
N THR A 72 0.03 -9.05 -7.15
CA THR A 72 -0.94 -8.54 -8.12
C THR A 72 -2.15 -7.94 -7.41
N HIS A 73 -2.53 -8.55 -6.30
CA HIS A 73 -3.66 -8.09 -5.51
C HIS A 73 -3.34 -6.72 -4.92
N CYS A 74 -2.13 -6.57 -4.39
CA CYS A 74 -1.70 -5.31 -3.81
C CYS A 74 -1.66 -4.25 -4.90
N ALA A 75 -1.13 -4.61 -6.06
CA ALA A 75 -1.04 -3.68 -7.18
C ALA A 75 -2.45 -3.25 -7.57
N GLY A 76 -3.38 -4.20 -7.52
CA GLY A 76 -4.76 -3.90 -7.89
C GLY A 76 -5.44 -2.88 -6.98
N THR A 77 -5.15 -2.97 -5.69
CA THR A 77 -5.71 -2.04 -4.70
C THR A 77 -5.09 -0.66 -4.88
N ILE A 78 -3.85 -0.63 -5.35
CA ILE A 78 -3.16 0.62 -5.59
C ILE A 78 -3.74 1.37 -6.78
N GLY A 79 -3.87 0.71 -7.93
CA GLY A 79 -4.37 1.41 -9.08
C GLY A 79 -5.07 0.65 -10.21
N SER A 80 -5.76 -0.44 -9.91
CA SER A 80 -6.47 -1.15 -10.98
C SER A 80 -7.70 -0.29 -11.25
N LYS A 81 -8.21 -0.34 -12.47
CA LYS A 81 -9.38 0.45 -12.82
C LYS A 81 -10.60 0.21 -11.93
N THR A 82 -10.88 -1.06 -11.66
CA THR A 82 -12.04 -1.42 -10.86
C THR A 82 -11.83 -1.44 -9.34
N TRP A 83 -10.68 -1.94 -8.91
CA TRP A 83 -10.42 -2.07 -7.48
C TRP A 83 -9.39 -1.11 -6.89
N GLY A 84 -8.87 -0.21 -7.71
CA GLY A 84 -7.83 0.70 -7.25
C GLY A 84 -8.19 2.09 -6.74
N VAL A 85 -7.27 2.62 -5.94
CA VAL A 85 -7.40 3.95 -5.34
C VAL A 85 -6.99 5.03 -6.33
N ALA A 86 -5.84 4.86 -6.95
CA ALA A 86 -5.31 5.81 -7.94
C ALA A 86 -5.42 5.11 -9.29
N LYS A 87 -6.59 5.26 -9.89
CA LYS A 87 -6.92 4.60 -11.15
C LYS A 87 -6.14 5.00 -12.41
N LYS A 88 -5.31 6.03 -12.32
CA LYS A 88 -4.54 6.45 -13.49
C LYS A 88 -3.04 6.48 -13.23
N VAL A 89 -2.64 5.94 -12.09
CA VAL A 89 -1.23 5.89 -11.70
C VAL A 89 -0.49 4.82 -12.50
N SER A 90 0.84 4.94 -12.56
CA SER A 90 1.68 3.95 -13.25
C SER A 90 2.20 3.02 -12.15
N ILE A 91 2.16 1.72 -12.40
CA ILE A 91 2.59 0.72 -11.43
C ILE A 91 3.78 -0.09 -11.92
N PHE A 92 4.74 -0.32 -11.04
CA PHE A 92 5.92 -1.09 -11.39
C PHE A 92 6.08 -2.26 -10.42
N GLY A 93 6.22 -3.46 -10.96
CA GLY A 93 6.37 -4.64 -10.13
C GLY A 93 7.81 -5.06 -9.92
N VAL A 94 8.20 -5.21 -8.65
CA VAL A 94 9.54 -5.63 -8.28
C VAL A 94 9.33 -6.92 -7.49
N LYS A 95 9.74 -8.03 -8.07
CA LYS A 95 9.55 -9.34 -7.43
C LYS A 95 10.74 -9.70 -6.52
N VAL A 96 10.48 -9.76 -5.22
CA VAL A 96 11.52 -10.12 -4.26
C VAL A 96 11.19 -11.41 -3.50
N LEU A 97 9.95 -11.87 -3.64
CA LEU A 97 9.45 -13.07 -2.98
C LEU A 97 9.15 -14.14 -4.04
N ASP A 98 9.48 -15.40 -3.77
CA ASP A 98 9.17 -16.43 -4.76
C ASP A 98 7.66 -16.66 -4.76
N ASP A 99 7.19 -17.52 -5.66
CA ASP A 99 5.76 -17.79 -5.76
C ASP A 99 5.15 -18.42 -4.53
N SER A 100 5.98 -18.88 -3.60
CA SER A 100 5.47 -19.49 -2.38
C SER A 100 5.12 -18.34 -1.42
N GLY A 101 5.81 -17.22 -1.57
CA GLY A 101 5.56 -16.07 -0.72
C GLY A 101 6.73 -15.70 0.17
N SER A 102 7.83 -16.43 0.06
CA SER A 102 9.01 -16.15 0.87
C SER A 102 10.18 -15.65 0.04
N GLY A 103 11.11 -14.96 0.71
CA GLY A 103 12.28 -14.44 0.03
C GLY A 103 13.39 -14.15 1.03
N SER A 104 14.63 -14.08 0.54
CA SER A 104 15.77 -13.83 1.42
C SER A 104 15.87 -12.35 1.80
N LEU A 105 16.54 -12.09 2.92
CA LEU A 105 16.74 -10.73 3.40
C LEU A 105 17.50 -9.96 2.33
N SER A 106 18.54 -10.59 1.78
CA SER A 106 19.36 -9.96 0.75
C SER A 106 18.56 -9.53 -0.47
N ASN A 107 17.63 -10.37 -0.91
CA ASN A 107 16.80 -10.03 -2.08
C ASN A 107 15.76 -8.97 -1.74
N ILE A 108 15.27 -8.94 -0.52
CA ILE A 108 14.27 -7.94 -0.16
C ILE A 108 14.96 -6.58 -0.13
N ILE A 109 16.15 -6.54 0.45
CA ILE A 109 16.91 -5.30 0.52
C ILE A 109 17.23 -4.83 -0.89
N ALA A 110 17.70 -5.75 -1.73
CA ALA A 110 18.04 -5.41 -3.10
C ALA A 110 16.84 -4.87 -3.87
N GLY A 111 15.64 -5.32 -3.50
CA GLY A 111 14.44 -4.83 -4.17
C GLY A 111 14.20 -3.38 -3.80
N MET A 112 14.49 -3.04 -2.54
CA MET A 112 14.30 -1.67 -2.08
C MET A 112 15.27 -0.69 -2.74
N ASP A 113 16.57 -0.98 -2.73
CA ASP A 113 17.49 -0.04 -3.37
C ASP A 113 17.25 0.02 -4.86
N PHE A 114 16.69 -1.04 -5.45
CA PHE A 114 16.41 -1.03 -6.88
C PHE A 114 15.35 0.03 -7.18
N VAL A 115 14.36 0.15 -6.29
CA VAL A 115 13.32 1.15 -6.48
C VAL A 115 13.97 2.53 -6.34
N ALA A 116 14.85 2.66 -5.35
CA ALA A 116 15.54 3.91 -5.10
C ALA A 116 16.29 4.42 -6.32
N SER A 117 16.86 3.51 -7.10
CA SER A 117 17.62 3.91 -8.28
C SER A 117 16.75 3.99 -9.53
N ASP A 118 15.92 2.97 -9.74
CA ASP A 118 15.08 2.94 -10.92
C ASP A 118 14.13 4.13 -11.05
N ARG A 119 13.50 4.52 -9.95
CA ARG A 119 12.55 5.64 -10.00
C ARG A 119 13.18 6.94 -10.48
N GLN A 120 14.49 7.07 -10.28
CA GLN A 120 15.24 8.26 -10.70
C GLN A 120 15.21 8.43 -12.21
N SER A 121 15.15 7.32 -12.93
CA SER A 121 15.16 7.35 -14.39
C SER A 121 13.79 7.25 -15.05
N ARG A 122 12.74 7.20 -14.24
CA ARG A 122 11.37 7.11 -14.76
C ARG A 122 10.71 8.48 -14.77
N ASN A 123 9.75 8.66 -15.68
CA ASN A 123 9.02 9.92 -15.73
C ASN A 123 7.87 9.80 -14.75
N CYS A 124 8.08 10.34 -13.56
CA CYS A 124 7.09 10.31 -12.49
C CYS A 124 7.00 11.73 -11.91
N PRO A 125 6.50 12.68 -12.71
CA PRO A 125 6.37 14.09 -12.31
C PRO A 125 5.69 14.42 -10.98
N ARG A 126 4.64 13.68 -10.62
CA ARG A 126 3.93 13.96 -9.38
C ARG A 126 4.66 13.43 -8.15
N ARG A 127 5.42 12.34 -8.33
CA ARG A 127 6.22 11.72 -7.27
C ARG A 127 6.20 10.19 -7.32
N THR A 128 6.98 9.57 -6.45
CA THR A 128 7.09 8.12 -6.41
C THR A 128 6.79 7.48 -5.06
N VAL A 129 6.11 6.35 -5.13
CA VAL A 129 5.71 5.59 -3.95
C VAL A 129 6.27 4.18 -3.97
N ALA A 130 6.56 3.64 -2.79
CA ALA A 130 7.02 2.26 -2.68
C ALA A 130 6.04 1.58 -1.72
N SER A 131 5.42 0.50 -2.17
CA SER A 131 4.46 -0.22 -1.34
C SER A 131 5.05 -1.57 -0.96
N MET A 132 5.29 -1.76 0.34
CA MET A 132 5.87 -3.01 0.83
C MET A 132 4.94 -3.82 1.71
N SER A 133 4.24 -4.77 1.09
CA SER A 133 3.33 -5.63 1.82
C SER A 133 4.04 -6.92 2.19
N LEU A 134 5.02 -6.78 3.08
CA LEU A 134 5.80 -7.90 3.58
C LEU A 134 6.30 -7.50 4.95
N GLY A 135 6.46 -8.47 5.85
CA GLY A 135 6.92 -8.13 7.18
C GLY A 135 7.23 -9.30 8.09
N GLY A 136 8.52 -9.59 8.23
CA GLY A 136 8.96 -10.68 9.09
C GLY A 136 9.45 -10.11 10.41
N GLY A 137 10.26 -10.90 11.11
CA GLY A 137 10.78 -10.44 12.40
C GLY A 137 11.69 -9.23 12.27
N TYR A 138 11.99 -8.61 13.40
CA TYR A 138 12.84 -7.43 13.42
C TYR A 138 14.15 -7.67 12.68
N SER A 139 14.54 -6.69 11.88
CA SER A 139 15.77 -6.75 11.09
C SER A 139 16.32 -5.34 10.87
N ALA A 140 17.50 -5.06 11.42
CA ALA A 140 18.12 -3.76 11.25
C ALA A 140 18.38 -3.50 9.77
N ALA A 141 18.82 -4.54 9.07
CA ALA A 141 19.11 -4.43 7.63
C ALA A 141 17.88 -4.00 6.85
N LEU A 142 16.75 -4.63 7.13
CA LEU A 142 15.50 -4.27 6.44
C LEU A 142 15.12 -2.84 6.77
N ASN A 143 15.22 -2.47 8.05
CA ASN A 143 14.87 -1.11 8.46
C ASN A 143 15.77 -0.08 7.80
N GLN A 144 17.07 -0.37 7.73
CA GLN A 144 18.02 0.55 7.11
C GLN A 144 17.73 0.72 5.63
N ALA A 145 17.43 -0.39 4.95
CA ALA A 145 17.13 -0.32 3.52
C ALA A 145 15.89 0.55 3.30
N ALA A 146 14.85 0.31 4.10
CA ALA A 146 13.62 1.08 3.98
C ALA A 146 13.91 2.56 4.26
N ALA A 147 14.74 2.82 5.25
CA ALA A 147 15.11 4.19 5.60
C ALA A 147 15.83 4.84 4.42
N ARG A 148 16.73 4.09 3.79
CA ARG A 148 17.47 4.63 2.63
C ARG A 148 16.51 4.98 1.50
N LEU A 149 15.57 4.09 1.24
CA LEU A 149 14.59 4.32 0.19
C LEU A 149 13.79 5.58 0.48
N GLN A 150 13.30 5.69 1.72
CA GLN A 150 12.53 6.85 2.13
C GLN A 150 13.36 8.13 1.99
N SER A 151 14.57 8.10 2.52
CA SER A 151 15.47 9.26 2.46
C SER A 151 15.80 9.68 1.04
N SER A 152 15.83 8.72 0.12
CA SER A 152 16.17 9.02 -1.28
C SER A 152 15.07 9.79 -2.01
N GLY A 153 13.94 10.00 -1.35
CA GLY A 153 12.85 10.75 -1.96
C GLY A 153 11.63 9.95 -2.41
N VAL A 154 11.48 8.75 -1.88
CA VAL A 154 10.34 7.90 -2.20
C VAL A 154 9.49 7.74 -0.94
N PHE A 155 8.19 7.89 -1.05
CA PHE A 155 7.34 7.71 0.13
C PHE A 155 7.15 6.21 0.26
N VAL A 156 7.57 5.66 1.40
CA VAL A 156 7.47 4.23 1.64
C VAL A 156 6.36 3.86 2.61
N ALA A 157 5.42 3.06 2.13
CA ALA A 157 4.32 2.59 2.97
C ALA A 157 4.62 1.12 3.21
N VAL A 158 4.61 0.71 4.48
CA VAL A 158 4.92 -0.68 4.82
C VAL A 158 3.86 -1.30 5.73
N ALA A 159 3.67 -2.62 5.61
CA ALA A 159 2.69 -3.34 6.42
C ALA A 159 3.11 -3.42 7.89
N ALA A 160 2.16 -3.22 8.79
CA ALA A 160 2.43 -3.27 10.23
C ALA A 160 2.72 -4.70 10.72
N GLY A 161 2.22 -5.69 10.00
CA GLY A 161 2.43 -7.06 10.41
C GLY A 161 1.11 -7.67 10.88
N ASN A 162 1.01 -8.99 10.79
CA ASN A 162 -0.21 -9.70 11.16
C ASN A 162 -0.10 -10.61 12.39
N ASP A 163 0.66 -10.19 13.39
CA ASP A 163 0.85 -10.99 14.58
C ASP A 163 -0.03 -10.59 15.77
N ASN A 164 -0.89 -9.60 15.58
CA ASN A 164 -1.76 -9.11 16.64
C ASN A 164 -0.92 -8.76 17.86
N ARG A 165 0.14 -8.00 17.63
CA ARG A 165 1.03 -7.55 18.69
C ARG A 165 1.69 -6.25 18.27
N ASP A 166 2.51 -5.68 19.15
CA ASP A 166 3.20 -4.44 18.84
C ASP A 166 4.08 -4.67 17.61
N ALA A 167 4.01 -3.78 16.65
CA ALA A 167 4.80 -3.92 15.44
C ALA A 167 6.27 -3.61 15.64
N ALA A 168 6.67 -3.31 16.86
CA ALA A 168 8.07 -3.01 17.14
C ALA A 168 8.98 -4.18 16.81
N ASN A 169 8.40 -5.38 16.75
CA ASN A 169 9.17 -6.58 16.46
C ASN A 169 8.97 -7.07 15.02
N THR A 170 8.55 -6.16 14.15
CA THR A 170 8.35 -6.48 12.75
C THR A 170 9.14 -5.49 11.90
N SER A 171 9.69 -5.94 10.78
CA SER A 171 10.44 -5.08 9.88
C SER A 171 9.96 -5.35 8.46
N PRO A 172 9.94 -4.31 7.61
CA PRO A 172 10.31 -2.91 7.84
C PRO A 172 9.34 -2.08 8.68
N ALA A 173 8.27 -2.71 9.17
CA ALA A 173 7.28 -1.99 9.97
C ALA A 173 7.86 -1.13 11.08
N SER A 174 8.86 -1.64 11.80
CA SER A 174 9.46 -0.91 12.90
C SER A 174 10.37 0.26 12.56
N GLU A 175 10.59 0.52 11.28
CA GLU A 175 11.44 1.64 10.89
C GLU A 175 10.67 2.94 11.11
N PRO A 176 11.19 3.82 11.98
CA PRO A 176 10.56 5.10 12.29
C PRO A 176 10.22 6.02 11.11
N THR A 177 11.13 6.11 10.15
CA THR A 177 10.95 7.00 9.01
C THR A 177 9.95 6.62 7.92
N VAL A 178 9.52 5.35 7.88
CA VAL A 178 8.55 4.95 6.87
C VAL A 178 7.13 5.12 7.42
N CYS A 179 6.14 4.84 6.58
CA CYS A 179 4.75 4.97 7.00
C CYS A 179 4.20 3.56 7.21
N THR A 180 4.09 3.20 8.48
CA THR A 180 3.63 1.87 8.88
C THR A 180 2.11 1.79 8.92
N VAL A 181 1.57 0.79 8.23
CA VAL A 181 0.13 0.63 8.10
C VAL A 181 -0.58 -0.55 8.78
N GLY A 182 -1.54 -0.21 9.64
CA GLY A 182 -2.33 -1.22 10.33
C GLY A 182 -3.58 -1.50 9.50
N ALA A 183 -4.32 -2.56 9.85
CA ALA A 183 -5.51 -2.94 9.09
C ALA A 183 -6.82 -2.88 9.87
N THR A 184 -7.91 -2.63 9.15
CA THR A 184 -9.25 -2.56 9.76
C THR A 184 -10.28 -3.31 8.92
N ASP A 185 -11.44 -3.58 9.51
CA ASP A 185 -12.50 -4.26 8.76
C ASP A 185 -13.62 -3.28 8.41
N SER A 186 -14.58 -3.75 7.63
CA SER A 186 -15.68 -2.90 7.18
C SER A 186 -16.61 -2.33 8.25
N ASN A 187 -16.50 -2.80 9.49
CA ASN A 187 -17.34 -2.25 10.55
C ASN A 187 -16.50 -1.43 11.53
N ASP A 188 -15.39 -0.91 11.01
CA ASP A 188 -14.46 -0.08 11.77
C ASP A 188 -13.84 -0.69 13.02
N VAL A 189 -13.54 -1.98 12.95
CA VAL A 189 -12.89 -2.68 14.04
C VAL A 189 -11.50 -3.04 13.52
N ARG A 190 -10.47 -2.85 14.35
CA ARG A 190 -9.12 -3.20 13.95
C ARG A 190 -9.15 -4.66 13.52
N SER A 191 -8.44 -4.99 12.44
CA SER A 191 -8.40 -6.36 11.97
C SER A 191 -7.88 -7.24 13.10
N THR A 192 -8.51 -8.40 13.30
CA THR A 192 -8.13 -9.30 14.39
C THR A 192 -6.64 -9.66 14.41
N PHE A 193 -6.02 -9.60 13.25
CA PHE A 193 -4.62 -9.97 13.11
C PHE A 193 -3.66 -8.78 13.03
N SER A 194 -4.21 -7.58 12.91
CA SER A 194 -3.37 -6.40 12.77
C SER A 194 -2.49 -6.06 13.96
N ASN A 195 -1.22 -5.78 13.69
CA ASN A 195 -0.31 -5.38 14.73
C ASN A 195 -0.70 -3.95 15.08
N TYR A 196 -0.15 -3.46 16.19
CA TYR A 196 -0.45 -2.11 16.65
C TYR A 196 0.80 -1.52 17.30
N GLY A 197 0.61 -0.51 18.15
CA GLY A 197 1.75 0.11 18.81
C GLY A 197 2.07 1.50 18.32
N ARG A 198 2.96 2.18 19.04
CA ARG A 198 3.36 3.54 18.69
C ARG A 198 3.98 3.69 17.31
N VAL A 199 4.64 2.64 16.81
CA VAL A 199 5.29 2.72 15.51
C VAL A 199 4.31 2.75 14.33
N VAL A 200 3.06 2.33 14.55
CA VAL A 200 2.07 2.37 13.48
C VAL A 200 1.68 3.82 13.24
N ASP A 201 1.59 4.21 11.98
CA ASP A 201 1.23 5.59 11.65
C ASP A 201 -0.19 5.80 11.17
N ILE A 202 -0.80 4.77 10.60
CA ILE A 202 -2.13 4.92 10.05
C ILE A 202 -2.79 3.57 9.86
N PHE A 203 -4.11 3.55 9.88
CA PHE A 203 -4.86 2.32 9.65
C PHE A 203 -5.66 2.46 8.36
N ALA A 204 -5.84 1.35 7.65
CA ALA A 204 -6.59 1.37 6.40
C ALA A 204 -7.25 -0.01 6.20
N PRO A 205 -8.25 -0.09 5.30
CA PRO A 205 -8.96 -1.34 5.04
C PRO A 205 -8.03 -2.51 4.76
N GLY A 206 -8.16 -3.58 5.56
CA GLY A 206 -7.31 -4.74 5.39
C GLY A 206 -8.03 -6.08 5.51
N THR A 207 -9.24 -6.09 6.05
CA THR A 207 -9.99 -7.35 6.18
C THR A 207 -10.98 -7.50 5.04
N SER A 208 -10.90 -8.64 4.36
CA SER A 208 -11.79 -8.96 3.24
C SER A 208 -11.75 -7.90 2.13
N ILE A 209 -10.57 -7.76 1.52
CA ILE A 209 -10.37 -6.78 0.45
C ILE A 209 -10.35 -7.46 -0.91
N THR A 210 -11.16 -6.96 -1.83
CA THR A 210 -11.21 -7.55 -3.16
C THR A 210 -10.34 -6.77 -4.15
N SER A 211 -9.62 -7.51 -4.98
CA SER A 211 -8.74 -6.88 -5.95
C SER A 211 -8.35 -7.89 -7.02
N THR A 212 -7.48 -7.46 -7.92
CA THR A 212 -6.98 -8.29 -9.01
C THR A 212 -6.22 -9.50 -8.49
N TRP A 213 -6.22 -10.58 -9.26
CA TRP A 213 -5.52 -11.79 -8.89
C TRP A 213 -4.91 -12.35 -10.19
N ILE A 214 -3.99 -13.30 -10.06
CA ILE A 214 -3.37 -13.86 -11.26
C ILE A 214 -4.40 -14.62 -12.10
N GLY A 215 -4.11 -14.78 -13.38
CA GLY A 215 -5.03 -15.47 -14.27
C GLY A 215 -6.12 -14.51 -14.73
N GLY A 216 -5.90 -13.23 -14.51
CA GLY A 216 -6.88 -12.23 -14.92
C GLY A 216 -8.15 -12.28 -14.07
N ARG A 217 -8.06 -12.95 -12.93
CA ARG A 217 -9.22 -13.06 -12.04
C ARG A 217 -9.15 -12.05 -10.89
N THR A 218 -9.96 -12.29 -9.86
CA THR A 218 -9.98 -11.44 -8.69
C THR A 218 -9.98 -12.33 -7.45
N ASN A 219 -9.74 -11.74 -6.29
CA ASN A 219 -9.71 -12.51 -5.05
C ASN A 219 -9.98 -11.59 -3.88
N THR A 220 -10.49 -12.16 -2.79
CA THR A 220 -10.80 -11.38 -1.60
C THR A 220 -10.03 -11.99 -0.44
N ILE A 221 -9.05 -11.24 0.06
CA ILE A 221 -8.20 -11.72 1.15
C ILE A 221 -7.98 -10.67 2.23
N SER A 222 -7.31 -11.05 3.30
CA SER A 222 -7.06 -10.14 4.42
C SER A 222 -5.60 -10.09 4.89
N GLY A 223 -5.22 -8.93 5.44
CA GLY A 223 -3.87 -8.76 5.93
C GLY A 223 -3.44 -7.31 5.94
N THR A 224 -2.37 -7.00 6.67
CA THR A 224 -1.88 -5.64 6.68
C THR A 224 -1.28 -5.38 5.30
N SER A 225 -1.03 -6.46 4.56
CA SER A 225 -0.51 -6.35 3.19
C SER A 225 -1.58 -5.77 2.27
N MET A 226 -2.84 -5.89 2.68
CA MET A 226 -3.94 -5.36 1.89
C MET A 226 -4.24 -3.91 2.28
N ALA A 227 -3.92 -3.56 3.53
CA ALA A 227 -4.15 -2.20 4.01
C ALA A 227 -3.08 -1.27 3.44
N THR A 228 -1.84 -1.78 3.39
CA THR A 228 -0.71 -1.01 2.88
C THR A 228 -0.94 -0.37 1.51
N PRO A 229 -1.41 -1.15 0.52
CA PRO A 229 -1.64 -0.55 -0.80
C PRO A 229 -2.73 0.53 -0.84
N HIS A 230 -3.60 0.55 0.17
CA HIS A 230 -4.62 1.58 0.23
C HIS A 230 -3.89 2.88 0.51
N ILE A 231 -2.90 2.82 1.40
CA ILE A 231 -2.10 4.00 1.75
C ILE A 231 -1.16 4.37 0.59
N ALA A 232 -0.56 3.36 -0.04
CA ALA A 232 0.33 3.63 -1.17
C ALA A 232 -0.44 4.33 -2.27
N GLY A 233 -1.65 3.84 -2.54
CA GLY A 233 -2.49 4.44 -3.57
C GLY A 233 -2.97 5.82 -3.18
N LEU A 234 -3.26 6.00 -1.89
CA LEU A 234 -3.72 7.29 -1.40
C LEU A 234 -2.63 8.35 -1.59
N ALA A 235 -1.39 7.99 -1.30
CA ALA A 235 -0.29 8.93 -1.46
C ALA A 235 -0.13 9.31 -2.92
N ALA A 236 -0.24 8.34 -3.82
CA ALA A 236 -0.11 8.59 -5.25
C ALA A 236 -1.24 9.54 -5.67
N TYR A 237 -2.42 9.31 -5.10
CA TYR A 237 -3.58 10.13 -5.37
C TYR A 237 -3.32 11.58 -4.91
N LEU A 238 -2.83 11.73 -3.70
CA LEU A 238 -2.56 13.06 -3.17
C LEU A 238 -1.45 13.75 -3.97
N PHE A 239 -0.43 13.02 -4.36
CA PHE A 239 0.67 13.59 -5.16
C PHE A 239 0.10 14.19 -6.44
N GLY A 240 -0.80 13.44 -7.07
CA GLY A 240 -1.38 13.90 -8.31
C GLY A 240 -2.47 14.96 -8.18
N LEU A 241 -2.95 15.19 -6.96
CA LEU A 241 -4.02 16.16 -6.74
C LEU A 241 -3.57 17.45 -6.06
N GLU A 242 -2.85 17.33 -4.95
CA GLU A 242 -2.40 18.50 -4.20
C GLU A 242 -0.89 18.59 -4.12
N GLY A 243 -0.21 17.56 -4.62
CA GLY A 243 1.23 17.54 -4.56
C GLY A 243 1.70 16.98 -3.23
N GLY A 244 2.72 17.59 -2.65
CA GLY A 244 3.24 17.14 -1.37
C GLY A 244 4.67 16.65 -1.50
N SER A 245 5.25 16.21 -0.38
CA SER A 245 6.62 15.70 -0.40
C SER A 245 6.65 14.28 0.15
N ALA A 246 7.67 13.52 -0.22
CA ALA A 246 7.79 12.15 0.26
C ALA A 246 7.99 12.15 1.76
N GLY A 247 8.71 13.16 2.25
CA GLY A 247 8.99 13.25 3.68
C GLY A 247 7.85 13.73 4.54
N ALA A 248 6.87 14.40 3.95
CA ALA A 248 5.74 14.91 4.72
C ALA A 248 4.44 14.18 4.44
N MET A 249 4.46 13.28 3.47
CA MET A 249 3.26 12.54 3.08
C MET A 249 2.61 11.69 4.18
N CYS A 250 3.41 11.00 4.99
CA CYS A 250 2.82 10.18 6.04
C CYS A 250 2.09 11.11 7.01
N GLY A 251 2.75 12.20 7.39
CA GLY A 251 2.13 13.15 8.30
C GLY A 251 0.90 13.77 7.68
N ARG A 252 0.94 13.99 6.37
CA ARG A 252 -0.19 14.58 5.65
C ARG A 252 -1.38 13.64 5.71
N ILE A 253 -1.13 12.35 5.50
CA ILE A 253 -2.18 11.34 5.54
C ILE A 253 -2.76 11.23 6.95
N GLN A 254 -1.90 11.41 7.96
CA GLN A 254 -2.38 11.34 9.34
C GLN A 254 -3.27 12.54 9.62
N THR A 255 -2.84 13.71 9.17
CA THR A 255 -3.60 14.93 9.40
C THR A 255 -4.99 14.82 8.76
N LEU A 256 -5.05 14.30 7.55
CA LEU A 256 -6.31 14.18 6.83
C LEU A 256 -7.19 13.03 7.31
N SER A 257 -6.58 12.06 7.97
CA SER A 257 -7.31 10.87 8.44
C SER A 257 -8.52 11.10 9.31
N THR A 258 -9.46 10.15 9.25
CA THR A 258 -10.66 10.18 10.05
C THR A 258 -10.23 9.70 11.43
N LYS A 259 -10.56 10.50 12.45
CA LYS A 259 -10.15 10.19 13.81
C LYS A 259 -11.21 9.58 14.73
N ASN A 260 -10.73 8.80 15.69
CA ASN A 260 -11.56 8.20 16.73
C ASN A 260 -12.76 7.34 16.32
N VAL A 261 -12.71 6.71 15.16
CA VAL A 261 -13.86 5.87 14.75
C VAL A 261 -13.61 4.37 14.87
N LEU A 262 -12.36 3.97 15.07
CA LEU A 262 -12.05 2.55 15.15
C LEU A 262 -12.17 1.93 16.54
N THR A 263 -12.55 0.66 16.56
CA THR A 263 -12.67 -0.11 17.79
C THR A 263 -11.43 -0.99 17.94
N SER A 264 -11.07 -1.28 19.17
CA SER A 264 -9.92 -2.12 19.50
C SER A 264 -8.56 -1.48 19.20
N ILE A 265 -8.48 -0.16 19.34
CA ILE A 265 -7.22 0.54 19.16
C ILE A 265 -6.76 0.86 20.57
N PRO A 266 -5.73 0.16 21.07
CA PRO A 266 -5.21 0.39 22.42
C PRO A 266 -4.61 1.76 22.62
N SER A 267 -4.68 2.26 23.85
CA SER A 267 -4.12 3.57 24.16
C SER A 267 -2.65 3.53 23.76
N GLY A 268 -2.15 4.61 23.16
CA GLY A 268 -0.75 4.62 22.74
C GLY A 268 -0.62 4.37 21.25
N THR A 269 -1.68 3.85 20.65
CA THR A 269 -1.71 3.58 19.22
C THR A 269 -2.68 4.59 18.61
N VAL A 270 -2.31 5.17 17.46
CA VAL A 270 -3.16 6.16 16.82
C VAL A 270 -4.48 5.60 16.27
N ASN A 271 -5.57 6.28 16.57
CA ASN A 271 -6.89 5.87 16.09
C ASN A 271 -7.15 6.72 14.83
N TYR A 272 -6.31 6.50 13.82
CA TYR A 272 -6.38 7.22 12.55
C TYR A 272 -6.74 6.28 11.41
N LEU A 273 -7.76 6.66 10.63
CA LEU A 273 -8.22 5.85 9.50
C LEU A 273 -8.08 6.64 8.21
N ALA A 274 -7.46 6.03 7.21
CA ALA A 274 -7.23 6.68 5.93
C ALA A 274 -8.46 7.38 5.35
N PHE A 275 -8.26 8.61 4.88
CA PHE A 275 -9.32 9.41 4.27
C PHE A 275 -8.71 10.23 3.14
N ASN A 276 -9.40 10.32 2.01
CA ASN A 276 -8.88 11.05 0.86
C ASN A 276 -9.42 12.48 0.69
N GLY A 277 -10.27 12.91 1.62
CA GLY A 277 -10.83 14.25 1.57
C GLY A 277 -11.75 14.55 0.39
N ALA A 278 -12.27 13.51 -0.24
CA ALA A 278 -13.14 13.68 -1.40
C ALA A 278 -14.57 14.04 -1.04
N THR A 279 -14.91 13.93 0.24
CA THR A 279 -16.26 14.24 0.70
C THR A 279 -16.20 15.02 2.01
#